data_8QO3
#
_entry.id   8QO3
#
_cell.length_a   1.00
_cell.length_b   1.00
_cell.length_c   1.00
_cell.angle_alpha   90.00
_cell.angle_beta   90.00
_cell.angle_gamma   90.00
#
_symmetry.space_group_name_H-M   'P 1'
#
_entity_poly.entity_id   1
_entity_poly.type   'polyribonucleotide'
_entity_poly.pdbx_seq_one_letter_code
;AAGCUUUUGUGUCUUCAGCUUCCCUCUUCUCCUCGUGGGGUUCCGUUCCCGCGGUAGUGAGCCUGGUGUGGUUCCGCCCG
CGCCAGUGAUGGAGGGUGCUUUAGGCACUAACAAGCUU
;
_entity_poly.pdbx_strand_id   A
#